data_4D6I
#
_entry.id   4D6I
#
_cell.length_a   92.300
_cell.length_b   154.480
_cell.length_c   97.060
_cell.angle_alpha   90.00
_cell.angle_beta   90.00
_cell.angle_gamma   90.00
#
_symmetry.space_group_name_H-M   'C 2 2 21'
#
loop_
_entity.id
_entity.type
_entity.pdbx_description
1 polymer 'GLYCOSIDE HYDROLASE'
2 branched alpha-L-fucopyranose-(1-2)-[2-acetamido-2-deoxy-alpha-D-galactopyranose-(1-3)]beta-D-galactopyranose-(1-3)-2-acetamido-2-deoxy-beta-D-glucopyranose
3 non-polymer 1,2-ETHANEDIOL
4 water water
#
_entity_poly.entity_id   1
_entity_poly.type   'polypeptide(L)'
_entity_poly.pdbx_seq_one_letter_code
;EVDKRREINNEHPLLMMPLYANGEEFNQGKYTFWGGDTLTGKWENIPDDLKPYTVIQLHPDDLPKRDGAARDFYEHMLEE
AAKYVNPKTGKNEPIPVILTVYTAGNMPYHTSAHWLSTSWIDKMYQKYPNLHGIFSTASYWIWANDIENKAADYLKVSAK
NGGYFIWAEQNSGSAIEKAFGKNGKIAFQKSVDKYWKNLIFMFKNTPAAEGNDSTTESYMKGLWLSNHTYQWGGLMDTWK
WYETGKWKLFASGNIGKSQGDRQWLTEPESMLGEEALGVYLNGGVVYNFEHPAYTYGVNNKESLLFSEVIKEFFRYVIAH
PAPSKEKVLEDTKVFIHGDYSNKGNGKFFVNVNTDREQTPLYMTGRYNVIPAIPGVLKTDKLKESVSSSRIQIKEITSPE
FSSTQARKEYLNKLYPMNYEGDIFAQKLDNRWFVYNYKVNENVKQTGKLKFNSLEMNVEFEPHTYGIFERISNGLKVNLN
NFRTNKDSLWSNAQDANQAKKLPQLTKKGAIKWIEEHYIKDTQFGEKRVTKIVLRGIDKLPTIHSLSGTNNSYDQPSLNF
DQKNHMVTITINSNGNLEFELHFLEHTRAPPPPPLRSGC
;
_entity_poly.pdbx_strand_id   A
#
loop_
_chem_comp.id
_chem_comp.type
_chem_comp.name
_chem_comp.formula
A2G D-saccharide, alpha linking 2-acetamido-2-deoxy-alpha-D-galactopyranose 'C8 H15 N O6'
EDO non-polymer 1,2-ETHANEDIOL 'C2 H6 O2'
FUC L-saccharide, alpha linking alpha-L-fucopyranose 'C6 H12 O5'
GAL D-saccharide, beta linking beta-D-galactopyranose 'C6 H12 O6'
NAG D-saccharide, beta linking 2-acetamido-2-deoxy-beta-D-glucopyranose 'C8 H15 N O6'
#
# COMPACT_ATOMS: atom_id res chain seq x y z
N GLU A 1 0.52 16.66 26.02
CA GLU A 1 1.06 15.67 25.03
C GLU A 1 2.37 15.06 25.55
N VAL A 2 2.40 13.74 25.63
CA VAL A 2 3.62 12.97 25.94
C VAL A 2 4.47 12.91 24.66
N ASP A 3 5.79 12.99 24.81
CA ASP A 3 6.73 12.90 23.67
C ASP A 3 6.48 11.66 22.82
N LYS A 4 6.33 11.82 21.51
CA LYS A 4 6.10 10.68 20.62
C LYS A 4 7.30 9.75 20.62
N ARG A 5 7.06 8.44 20.57
CA ARG A 5 8.16 7.48 20.60
C ARG A 5 8.91 7.41 19.28
N ARG A 6 8.24 7.83 18.21
CA ARG A 6 8.85 7.89 16.88
C ARG A 6 8.09 8.92 16.06
N GLU A 7 8.70 9.39 14.98
CA GLU A 7 8.00 10.25 14.03
C GLU A 7 7.48 9.41 12.87
N ILE A 8 6.27 9.76 12.39
CA ILE A 8 5.67 9.14 11.21
C ILE A 8 5.11 10.31 10.42
N ASN A 9 5.73 10.59 9.28
CA ASN A 9 5.28 11.67 8.40
C ASN A 9 5.96 11.54 7.04
N ASN A 10 5.75 12.50 6.15
CA ASN A 10 6.32 12.38 4.80
C ASN A 10 7.84 12.15 4.78
N GLU A 11 8.54 12.77 5.73
CA GLU A 11 10.00 12.65 5.81
C GLU A 11 10.42 11.45 6.62
N HIS A 12 9.52 10.97 7.46
CA HIS A 12 9.79 9.77 8.24
C HIS A 12 8.68 8.77 7.98
N PRO A 13 8.62 8.18 6.76
CA PRO A 13 7.54 7.22 6.48
C PRO A 13 7.76 5.93 7.27
N LEU A 14 6.79 5.03 7.19
CA LEU A 14 6.84 3.81 7.95
C LEU A 14 6.51 2.61 7.08
N LEU A 15 7.43 1.63 7.04
CA LEU A 15 7.16 0.32 6.47
C LEU A 15 7.01 -0.69 7.60
N MET A 16 5.83 -1.26 7.72
CA MET A 16 5.58 -2.26 8.77
C MET A 16 6.10 -3.58 8.24
N MET A 17 6.75 -4.33 9.13
CA MET A 17 7.39 -5.60 8.78
C MET A 17 6.75 -6.73 9.59
N PRO A 18 5.74 -7.41 9.00
CA PRO A 18 4.93 -8.38 9.74
C PRO A 18 5.68 -9.66 10.01
N LEU A 19 5.44 -10.21 11.20
CA LEU A 19 5.95 -11.50 11.63
C LEU A 19 4.78 -12.19 12.31
N TYR A 20 4.31 -13.28 11.69
CA TYR A 20 3.13 -14.00 12.13
C TYR A 20 3.50 -15.20 12.98
N ALA A 21 3.01 -15.22 14.22
CA ALA A 21 3.30 -16.30 15.19
C ALA A 21 2.90 -17.67 14.68
N ASN A 22 3.76 -18.68 14.86
CA ASN A 22 3.41 -20.06 14.50
C ASN A 22 2.79 -20.78 15.71
N GLY A 23 1.46 -20.84 15.72
CA GLY A 23 0.71 -21.42 16.84
C GLY A 23 0.94 -22.90 17.05
N GLU A 24 1.17 -23.63 15.95
CA GLU A 24 1.45 -25.06 16.00
C GLU A 24 2.77 -25.33 16.73
N GLU A 25 3.78 -24.52 16.41
CA GLU A 25 5.09 -24.69 17.06
C GLU A 25 5.06 -24.16 18.50
N PHE A 26 4.23 -23.16 18.74
CA PHE A 26 3.99 -22.69 20.10
C PHE A 26 3.51 -23.83 21.03
N ASN A 27 2.55 -24.61 20.55
CA ASN A 27 2.07 -25.79 21.28
C ASN A 27 3.18 -26.81 21.55
N GLN A 28 4.23 -26.78 20.72
CA GLN A 28 5.36 -27.65 20.88
C GLN A 28 6.45 -27.01 21.73
N GLY A 29 6.14 -25.84 22.30
CA GLY A 29 7.07 -25.16 23.20
C GLY A 29 8.09 -24.27 22.50
N LYS A 30 7.91 -24.03 21.21
CA LYS A 30 8.83 -23.20 20.45
C LYS A 30 8.23 -21.82 20.16
N TYR A 31 9.09 -20.84 19.94
CA TYR A 31 8.68 -19.47 19.67
C TYR A 31 9.15 -19.10 18.27
N THR A 32 8.28 -19.27 17.28
CA THR A 32 8.69 -19.15 15.89
C THR A 32 7.63 -18.42 15.05
N PHE A 33 8.01 -18.04 13.82
CA PHE A 33 7.11 -17.38 12.88
C PHE A 33 6.89 -18.24 11.62
N TRP A 34 5.64 -18.26 11.13
CA TRP A 34 5.32 -18.86 9.83
C TRP A 34 6.25 -18.28 8.76
N GLY A 35 6.88 -19.16 7.97
CA GLY A 35 7.80 -18.71 6.93
C GLY A 35 9.26 -18.71 7.38
N GLY A 36 9.50 -18.97 8.67
CA GLY A 36 10.89 -19.17 9.15
C GLY A 36 11.73 -17.94 9.48
N ASP A 37 11.20 -16.73 9.27
CA ASP A 37 11.87 -15.53 9.74
C ASP A 37 12.04 -15.63 11.26
N THR A 38 13.11 -15.02 11.80
CA THR A 38 13.28 -14.83 13.24
C THR A 38 13.32 -13.34 13.51
N LEU A 39 12.91 -12.93 14.72
CA LEU A 39 12.87 -11.50 15.04
C LEU A 39 14.24 -10.84 14.79
N THR A 40 15.28 -11.44 15.39
CA THR A 40 16.65 -10.95 15.29
C THR A 40 17.19 -11.02 13.87
N GLY A 41 17.06 -12.20 13.24
CA GLY A 41 17.52 -12.41 11.87
C GLY A 41 16.88 -11.44 10.89
N LYS A 42 15.57 -11.24 11.02
CA LYS A 42 14.83 -10.34 10.14
C LYS A 42 15.36 -8.91 10.28
N TRP A 43 15.43 -8.44 11.51
CA TRP A 43 15.88 -7.10 11.79
C TRP A 43 17.30 -6.85 11.24
N GLU A 44 18.23 -7.74 11.58
CA GLU A 44 19.61 -7.65 11.09
C GLU A 44 19.69 -7.51 9.58
N ASN A 45 18.87 -8.26 8.89
CA ASN A 45 18.88 -8.24 7.43
C ASN A 45 18.13 -7.08 6.78
N ILE A 46 17.42 -6.27 7.56
CA ILE A 46 16.86 -5.03 7.02
C ILE A 46 18.03 -4.07 6.72
N PRO A 47 18.12 -3.57 5.48
CA PRO A 47 19.20 -2.65 5.10
C PRO A 47 19.29 -1.51 6.11
N ASP A 48 20.51 -1.10 6.43
CA ASP A 48 20.71 -0.05 7.43
C ASP A 48 20.08 1.30 7.08
N ASP A 49 19.99 1.63 5.79
CA ASP A 49 19.32 2.89 5.41
C ASP A 49 17.79 2.84 5.66
N LEU A 50 17.23 1.64 5.68
CA LEU A 50 15.80 1.41 5.96
C LEU A 50 15.47 1.24 7.43
N LYS A 51 16.46 0.85 8.25
CA LYS A 51 16.22 0.60 9.68
C LYS A 51 15.49 1.73 10.43
N PRO A 52 15.85 3.01 10.17
CA PRO A 52 15.13 4.11 10.84
C PRO A 52 13.65 4.24 10.45
N TYR A 53 13.21 3.52 9.42
CA TYR A 53 11.89 3.74 8.84
C TYR A 53 11.03 2.47 8.82
N THR A 54 11.52 1.43 9.48
CA THR A 54 10.88 0.13 9.48
C THR A 54 10.65 -0.30 10.91
N VAL A 55 9.51 -0.94 11.13
CA VAL A 55 9.18 -1.45 12.45
C VAL A 55 8.63 -2.86 12.31
N ILE A 56 9.07 -3.76 13.19
CA ILE A 56 8.59 -5.14 13.24
C ILE A 56 7.16 -5.14 13.78
N GLN A 57 6.21 -5.71 13.03
CA GLN A 57 4.83 -5.82 13.50
C GLN A 57 4.55 -7.29 13.84
N LEU A 58 4.49 -7.61 15.12
CA LEU A 58 4.13 -8.98 15.52
C LEU A 58 2.63 -9.19 15.35
N HIS A 59 2.26 -10.39 14.88
CA HIS A 59 0.86 -10.74 14.67
C HIS A 59 0.69 -12.12 15.32
N PRO A 60 -0.45 -12.34 16.03
CA PRO A 60 -0.54 -13.58 16.81
C PRO A 60 -1.09 -14.77 16.00
N ASP A 61 -1.48 -14.49 14.75
CA ASP A 61 -1.94 -15.48 13.78
C ASP A 61 -2.72 -16.62 14.46
N ASP A 62 -2.20 -17.84 14.42
CA ASP A 62 -2.93 -19.01 14.95
C ASP A 62 -2.44 -19.51 16.32
N LEU A 63 -1.94 -18.60 17.17
CA LEU A 63 -1.70 -18.93 18.57
C LEU A 63 -2.98 -19.46 19.20
N PRO A 64 -2.87 -20.36 20.19
CA PRO A 64 -4.06 -20.98 20.79
C PRO A 64 -5.05 -19.94 21.27
N LYS A 65 -6.35 -20.21 21.11
CA LYS A 65 -7.38 -19.26 21.54
C LYS A 65 -7.74 -19.45 23.01
N ARG A 66 -6.83 -19.01 23.89
N ARG A 66 -6.84 -19.00 23.89
CA ARG A 66 -7.06 -19.07 25.34
CA ARG A 66 -7.07 -19.07 25.34
C ARG A 66 -6.23 -18.00 26.00
C ARG A 66 -6.17 -18.08 26.03
N ASP A 67 -6.54 -17.73 27.27
CA ASP A 67 -5.83 -16.71 28.01
C ASP A 67 -4.38 -17.09 28.15
N GLY A 68 -3.51 -16.08 28.04
CA GLY A 68 -2.10 -16.26 28.31
C GLY A 68 -1.25 -16.54 27.09
N ALA A 69 -1.80 -17.11 26.03
CA ALA A 69 -0.99 -17.53 24.88
C ALA A 69 -0.31 -16.34 24.18
N ALA A 70 -1.09 -15.35 23.77
CA ALA A 70 -0.56 -14.17 23.10
C ALA A 70 0.37 -13.33 24.03
N ARG A 71 0.00 -13.19 25.29
CA ARG A 71 0.86 -12.48 26.25
C ARG A 71 2.23 -13.17 26.34
N ASP A 72 2.22 -14.49 26.45
CA ASP A 72 3.45 -15.27 26.61
C ASP A 72 4.34 -15.11 25.37
N PHE A 73 3.77 -15.35 24.20
CA PHE A 73 4.47 -15.14 22.92
C PHE A 73 5.00 -13.71 22.78
N TYR A 74 4.13 -12.73 23.01
CA TYR A 74 4.53 -11.34 22.86
C TYR A 74 5.63 -10.88 23.84
N GLU A 75 5.51 -11.27 25.11
CA GLU A 75 6.53 -10.93 26.10
C GLU A 75 7.89 -11.55 25.75
N HIS A 76 7.86 -12.80 25.27
CA HIS A 76 9.07 -13.48 24.80
C HIS A 76 9.77 -12.64 23.70
N MET A 77 8.99 -12.23 22.69
CA MET A 77 9.54 -11.45 21.57
C MET A 77 9.94 -10.02 21.94
N LEU A 78 9.18 -9.37 22.83
CA LEU A 78 9.54 -8.03 23.30
C LEU A 78 10.88 -8.09 24.05
N GLU A 79 11.08 -9.16 24.82
CA GLU A 79 12.35 -9.40 25.51
C GLU A 79 13.51 -9.52 24.52
N GLU A 80 13.30 -10.32 23.47
CA GLU A 80 14.31 -10.45 22.40
C GLU A 80 14.58 -9.11 21.69
N ALA A 81 13.52 -8.39 21.33
CA ALA A 81 13.69 -7.09 20.70
C ALA A 81 14.46 -6.13 21.63
N ALA A 82 14.08 -6.12 22.91
CA ALA A 82 14.70 -5.22 23.89
C ALA A 82 16.19 -5.48 24.07
N LYS A 83 16.59 -6.75 23.98
CA LYS A 83 17.97 -7.13 24.33
C LYS A 83 18.91 -7.21 23.12
N TYR A 84 18.35 -7.00 21.93
CA TYR A 84 19.14 -7.04 20.69
C TYR A 84 20.44 -6.23 20.78
N VAL A 85 21.52 -6.87 20.38
CA VAL A 85 22.85 -6.28 20.34
C VAL A 85 23.32 -6.24 18.88
N ASN A 86 23.60 -5.04 18.38
CA ASN A 86 24.16 -4.89 17.03
C ASN A 86 25.53 -5.57 16.94
N PRO A 87 25.68 -6.55 16.02
CA PRO A 87 26.93 -7.32 15.99
C PRO A 87 28.11 -6.55 15.39
N LYS A 88 27.82 -5.52 14.58
CA LYS A 88 28.84 -4.66 14.01
C LYS A 88 29.49 -3.71 15.03
N THR A 89 28.75 -3.36 16.10
CA THR A 89 29.22 -2.37 17.10
C THR A 89 29.22 -2.89 18.53
N GLY A 90 28.55 -4.02 18.78
CA GLY A 90 28.46 -4.58 20.12
C GLY A 90 27.55 -3.81 21.07
N LYS A 91 26.84 -2.79 20.57
CA LYS A 91 25.94 -1.99 21.41
C LYS A 91 24.49 -2.53 21.45
N ASN A 92 23.86 -2.43 22.61
CA ASN A 92 22.45 -2.79 22.76
C ASN A 92 21.55 -1.80 22.01
N GLU A 93 20.89 -2.25 20.95
CA GLU A 93 20.05 -1.36 20.13
C GLU A 93 18.64 -1.95 19.97
N PRO A 94 17.77 -1.71 20.96
CA PRO A 94 16.44 -2.31 21.01
C PRO A 94 15.67 -2.19 19.70
N ILE A 95 15.12 -3.30 19.23
CA ILE A 95 14.37 -3.34 17.98
C ILE A 95 12.97 -2.73 18.15
N PRO A 96 12.60 -1.78 17.26
CA PRO A 96 11.27 -1.18 17.40
C PRO A 96 10.18 -2.18 16.97
N VAL A 97 9.11 -2.20 17.76
CA VAL A 97 8.06 -3.19 17.60
C VAL A 97 6.67 -2.53 17.62
N ILE A 98 5.76 -3.10 16.83
CA ILE A 98 4.34 -2.84 16.96
C ILE A 98 3.68 -4.19 17.30
N LEU A 99 2.72 -4.19 18.22
CA LEU A 99 1.93 -5.39 18.55
C LEU A 99 0.57 -5.33 17.92
N THR A 100 0.17 -6.39 17.23
CA THR A 100 -1.20 -6.52 16.75
C THR A 100 -2.04 -6.91 17.97
N VAL A 101 -2.93 -6.00 18.37
CA VAL A 101 -3.72 -6.21 19.60
C VAL A 101 -5.22 -6.50 19.34
N TYR A 102 -5.70 -6.22 18.13
CA TYR A 102 -7.10 -6.39 17.82
C TYR A 102 -7.24 -6.85 16.38
N THR A 103 -8.03 -7.89 16.17
CA THR A 103 -8.29 -8.42 14.85
C THR A 103 -9.50 -9.36 14.88
N ALA A 104 -10.24 -9.43 13.78
CA ALA A 104 -11.43 -10.27 13.72
C ALA A 104 -12.37 -10.02 14.91
N GLY A 105 -12.61 -8.73 15.19
CA GLY A 105 -13.46 -8.32 16.31
C GLY A 105 -13.01 -8.83 17.68
N ASN A 106 -11.78 -9.33 17.74
CA ASN A 106 -11.25 -10.02 18.92
C ASN A 106 -12.18 -11.10 19.48
N MET A 107 -12.91 -11.77 18.59
CA MET A 107 -13.80 -12.83 19.01
C MET A 107 -12.94 -13.97 19.60
N PRO A 108 -13.35 -14.51 20.78
CA PRO A 108 -12.56 -15.60 21.39
C PRO A 108 -12.48 -16.85 20.49
N TYR A 109 -13.37 -16.94 19.49
CA TYR A 109 -13.33 -18.05 18.53
C TYR A 109 -12.52 -17.71 17.27
N HIS A 110 -12.01 -16.49 17.19
CA HIS A 110 -11.18 -16.07 16.05
C HIS A 110 -9.71 -15.82 16.39
N THR A 111 -9.42 -15.30 17.59
CA THR A 111 -8.05 -14.86 17.87
C THR A 111 -7.63 -14.87 19.32
N SER A 112 -6.36 -15.29 19.53
CA SER A 112 -5.69 -15.22 20.83
C SER A 112 -5.53 -13.79 21.32
N ALA A 113 -5.66 -12.82 20.42
CA ALA A 113 -5.55 -11.40 20.78
C ALA A 113 -6.71 -10.95 21.66
N HIS A 114 -7.79 -11.73 21.70
CA HIS A 114 -8.89 -11.45 22.64
C HIS A 114 -8.35 -11.27 24.08
N TRP A 115 -7.36 -12.08 24.45
CA TRP A 115 -6.85 -12.10 25.84
C TRP A 115 -5.66 -11.16 26.05
N LEU A 116 -5.78 -9.96 25.50
CA LEU A 116 -4.79 -8.88 25.70
C LEU A 116 -5.52 -7.67 26.21
N SER A 117 -5.44 -7.42 27.51
CA SER A 117 -6.15 -6.31 28.09
C SER A 117 -5.43 -4.97 27.87
N THR A 118 -6.18 -3.89 28.01
CA THR A 118 -5.60 -2.56 27.94
C THR A 118 -4.55 -2.35 29.08
N SER A 119 -4.82 -2.94 30.25
N SER A 119 -4.84 -2.94 30.24
CA SER A 119 -3.87 -2.88 31.36
CA SER A 119 -3.93 -2.93 31.39
C SER A 119 -2.54 -3.53 30.99
C SER A 119 -2.58 -3.54 31.01
N TRP A 120 -2.60 -4.70 30.35
CA TRP A 120 -1.37 -5.37 29.90
C TRP A 120 -0.63 -4.54 28.87
N ILE A 121 -1.39 -3.94 27.95
CA ILE A 121 -0.80 -3.10 26.91
C ILE A 121 -0.09 -1.89 27.56
N ASP A 122 -0.75 -1.24 28.51
CA ASP A 122 -0.14 -0.13 29.26
C ASP A 122 1.16 -0.58 29.93
N LYS A 123 1.11 -1.73 30.58
CA LYS A 123 2.27 -2.35 31.21
C LYS A 123 3.43 -2.59 30.21
N MET A 124 3.13 -3.07 28.99
CA MET A 124 4.19 -3.29 28.00
C MET A 124 4.80 -1.96 27.51
N TYR A 125 3.94 -0.98 27.24
CA TYR A 125 4.40 0.34 26.86
C TYR A 125 5.36 0.90 27.91
N GLN A 126 5.02 0.76 29.19
CA GLN A 126 5.87 1.28 30.27
C GLN A 126 7.18 0.50 30.43
N LYS A 127 7.16 -0.79 30.12
CA LYS A 127 8.35 -1.66 30.28
C LYS A 127 9.31 -1.59 29.08
N TYR A 128 8.74 -1.37 27.89
CA TYR A 128 9.51 -1.45 26.65
C TYR A 128 9.47 -0.14 25.89
N PRO A 129 10.52 0.69 26.02
CA PRO A 129 10.55 1.94 25.25
C PRO A 129 10.53 1.69 23.75
N ASN A 130 10.99 0.51 23.34
CA ASN A 130 11.00 0.12 21.91
C ASN A 130 9.64 -0.35 21.38
N LEU A 131 8.62 -0.42 22.24
CA LEU A 131 7.25 -0.65 21.75
C LEU A 131 6.68 0.68 21.28
N HIS A 132 6.60 0.86 19.96
CA HIS A 132 6.22 2.15 19.35
C HIS A 132 4.74 2.31 19.05
N GLY A 133 4.01 1.21 19.06
CA GLY A 133 2.59 1.28 18.80
C GLY A 133 1.90 -0.05 18.83
N ILE A 134 0.59 0.00 18.61
CA ILE A 134 -0.28 -1.17 18.61
C ILE A 134 -1.22 -1.07 17.40
N PHE A 135 -1.65 -2.25 16.92
CA PHE A 135 -2.24 -2.40 15.59
C PHE A 135 -3.55 -3.16 15.68
N SER A 136 -4.56 -2.62 15.02
CA SER A 136 -5.84 -3.29 14.86
C SER A 136 -6.05 -3.46 13.36
N THR A 137 -6.48 -4.66 12.97
CA THR A 137 -6.61 -5.00 11.56
C THR A 137 -7.73 -5.99 11.25
N ALA A 138 -8.50 -5.65 10.23
CA ALA A 138 -9.49 -6.55 9.62
C ALA A 138 -10.60 -7.04 10.54
N SER A 139 -11.44 -6.12 11.00
CA SER A 139 -12.68 -6.47 11.69
C SER A 139 -13.94 -6.04 10.93
N TYR A 140 -13.78 -5.54 9.69
CA TYR A 140 -14.92 -5.03 8.91
C TYR A 140 -15.99 -6.11 8.74
N TRP A 141 -15.51 -7.35 8.63
CA TRP A 141 -16.36 -8.52 8.40
C TRP A 141 -16.96 -9.11 9.68
N ILE A 142 -16.53 -8.62 10.84
CA ILE A 142 -17.05 -9.09 12.13
C ILE A 142 -17.02 -7.91 13.09
N TRP A 143 -17.96 -6.97 12.88
CA TRP A 143 -17.95 -5.69 13.58
C TRP A 143 -18.49 -5.83 15.00
N ALA A 144 -17.62 -6.24 15.92
CA ALA A 144 -18.00 -6.51 17.30
C ALA A 144 -18.77 -5.37 17.96
N ASN A 145 -19.72 -5.72 18.83
CA ASN A 145 -20.54 -4.75 19.58
C ASN A 145 -19.84 -3.63 20.32
N ASP A 146 -18.60 -3.85 20.75
CA ASP A 146 -17.87 -2.83 21.49
C ASP A 146 -16.60 -2.35 20.76
N ILE A 147 -16.52 -2.57 19.46
CA ILE A 147 -15.29 -2.32 18.73
C ILE A 147 -14.84 -0.85 18.84
N GLU A 148 -15.79 0.06 18.71
CA GLU A 148 -15.51 1.51 18.84
C GLU A 148 -15.02 1.88 20.24
N ASN A 149 -15.69 1.34 21.27
CA ASN A 149 -15.26 1.52 22.67
C ASN A 149 -13.84 1.01 22.88
N LYS A 150 -13.53 -0.18 22.37
CA LYS A 150 -12.17 -0.74 22.50
C LYS A 150 -11.16 0.12 21.75
N ALA A 151 -11.54 0.58 20.56
CA ALA A 151 -10.66 1.42 19.73
C ALA A 151 -10.28 2.70 20.47
N ALA A 152 -11.26 3.32 21.13
CA ALA A 152 -11.06 4.49 22.01
C ALA A 152 -10.02 4.23 23.09
N ASP A 153 -10.11 3.07 23.74
CA ASP A 153 -9.15 2.69 24.78
C ASP A 153 -7.74 2.44 24.24
N TYR A 154 -7.65 1.83 23.05
CA TYR A 154 -6.36 1.60 22.39
C TYR A 154 -5.68 2.92 22.02
N LEU A 155 -6.44 3.88 21.51
CA LEU A 155 -5.87 5.19 21.17
C LEU A 155 -5.43 5.92 22.42
N LYS A 156 -6.27 5.88 23.45
CA LYS A 156 -5.97 6.59 24.68
C LYS A 156 -4.73 6.01 25.38
N VAL A 157 -4.61 4.68 25.45
CA VAL A 157 -3.45 4.10 26.11
C VAL A 157 -2.17 4.36 25.32
N SER A 158 -2.29 4.47 24.00
CA SER A 158 -1.14 4.81 23.15
C SER A 158 -0.71 6.26 23.39
N ALA A 159 -1.67 7.19 23.34
CA ALA A 159 -1.42 8.60 23.64
C ALA A 159 -0.77 8.78 25.02
N LYS A 160 -1.28 8.04 26.00
CA LYS A 160 -0.77 8.10 27.37
C LYS A 160 0.73 7.81 27.39
N ASN A 161 1.16 6.97 26.47
CA ASN A 161 2.55 6.51 26.44
C ASN A 161 3.38 7.08 25.29
N GLY A 162 2.78 7.95 24.49
CA GLY A 162 3.47 8.50 23.34
C GLY A 162 3.61 7.54 22.15
N GLY A 163 2.85 6.45 22.16
CA GLY A 163 2.94 5.50 21.06
C GLY A 163 1.80 5.75 20.10
N TYR A 164 1.70 4.93 19.04
CA TYR A 164 0.67 5.13 18.04
C TYR A 164 -0.34 4.00 18.05
N PHE A 165 -1.60 4.35 17.89
CA PHE A 165 -2.62 3.36 17.55
C PHE A 165 -2.80 3.38 16.04
N ILE A 166 -2.62 2.21 15.42
CA ILE A 166 -2.71 2.04 13.98
C ILE A 166 -3.88 1.12 13.71
N TRP A 167 -4.79 1.55 12.85
CA TRP A 167 -5.99 0.76 12.54
C TRP A 167 -6.11 0.63 11.03
N ALA A 168 -6.13 -0.62 10.56
CA ALA A 168 -6.26 -0.91 9.14
C ALA A 168 -7.62 -1.53 8.91
N GLU A 169 -8.41 -0.88 8.06
CA GLU A 169 -9.78 -1.30 7.89
C GLU A 169 -10.26 -0.92 6.49
N GLN A 170 -11.16 -1.71 5.92
CA GLN A 170 -11.78 -1.36 4.63
C GLN A 170 -13.24 -0.98 4.85
N ASN A 171 -13.79 -0.09 4.03
CA ASN A 171 -15.16 0.38 4.24
C ASN A 171 -16.21 -0.62 3.76
N SER A 172 -16.04 -1.90 4.12
CA SER A 172 -17.08 -2.90 3.92
C SER A 172 -18.11 -2.79 5.04
N GLY A 173 -19.39 -2.81 4.67
CA GLY A 173 -20.48 -2.68 5.64
C GLY A 173 -20.43 -1.37 6.41
N SER A 174 -20.03 -0.30 5.72
CA SER A 174 -19.83 1.03 6.32
C SER A 174 -18.84 1.10 7.47
N ALA A 175 -17.81 0.24 7.48
CA ALA A 175 -16.93 0.14 8.67
C ALA A 175 -16.28 1.46 9.10
N ILE A 176 -15.77 2.23 8.14
CA ILE A 176 -15.06 3.45 8.47
C ILE A 176 -16.04 4.48 9.06
N GLU A 177 -17.23 4.50 8.48
CA GLU A 177 -18.28 5.43 8.91
C GLU A 177 -18.74 5.04 10.33
N LYS A 178 -18.99 3.75 10.54
CA LYS A 178 -19.34 3.26 11.88
C LYS A 178 -18.27 3.57 12.92
N ALA A 179 -17.00 3.44 12.53
CA ALA A 179 -15.88 3.67 13.47
C ALA A 179 -15.91 5.09 14.06
N PHE A 180 -16.34 6.04 13.23
CA PHE A 180 -16.40 7.45 13.65
C PHE A 180 -17.77 7.86 14.21
N GLY A 181 -18.68 6.89 14.32
CA GLY A 181 -19.93 7.10 15.05
C GLY A 181 -21.23 7.14 14.27
N LYS A 182 -21.21 6.71 13.01
CA LYS A 182 -22.41 6.72 12.15
C LYS A 182 -23.65 6.13 12.83
N ASN A 183 -23.49 4.96 13.45
CA ASN A 183 -24.62 4.28 14.08
C ASN A 183 -24.76 4.56 15.58
N GLY A 184 -24.13 5.63 16.04
CA GLY A 184 -24.31 6.07 17.41
C GLY A 184 -23.30 5.54 18.41
N LYS A 185 -22.35 4.73 17.94
CA LYS A 185 -21.23 4.31 18.79
C LYS A 185 -20.14 5.36 18.68
N ILE A 186 -20.17 6.33 19.59
CA ILE A 186 -19.35 7.54 19.44
C ILE A 186 -18.07 7.62 20.29
N ALA A 187 -17.71 6.55 20.99
CA ALA A 187 -16.54 6.60 21.88
C ALA A 187 -15.23 6.88 21.15
N PHE A 188 -15.06 6.29 19.96
CA PHE A 188 -13.84 6.52 19.18
C PHE A 188 -13.81 7.92 18.56
N GLN A 189 -14.96 8.39 18.10
CA GLN A 189 -15.12 9.79 17.68
C GLN A 189 -14.63 10.77 18.78
N LYS A 190 -15.06 10.56 20.01
CA LYS A 190 -14.65 11.42 21.13
C LYS A 190 -13.17 11.23 21.44
N SER A 191 -12.69 10.00 21.32
CA SER A 191 -11.28 9.71 21.54
C SER A 191 -10.43 10.47 20.53
N VAL A 192 -10.83 10.41 19.27
CA VAL A 192 -10.11 11.06 18.16
C VAL A 192 -10.03 12.58 18.36
N ASP A 193 -11.12 13.15 18.88
CA ASP A 193 -11.16 14.58 19.15
C ASP A 193 -9.97 15.01 20.04
N LYS A 194 -9.64 14.17 21.03
CA LYS A 194 -8.54 14.43 21.96
C LYS A 194 -7.19 13.92 21.47
N TYR A 195 -7.18 12.77 20.81
CA TYR A 195 -5.92 12.05 20.61
C TYR A 195 -5.53 11.75 19.16
N TRP A 196 -6.13 12.46 18.20
CA TRP A 196 -5.87 12.21 16.78
C TRP A 196 -4.40 12.20 16.38
N LYS A 197 -3.55 12.94 17.11
CA LYS A 197 -2.11 13.02 16.79
C LYS A 197 -1.35 11.71 17.07
N ASN A 198 -1.99 10.74 17.75
CA ASN A 198 -1.38 9.42 17.95
C ASN A 198 -2.08 8.32 17.17
N LEU A 199 -2.95 8.69 16.24
CA LEU A 199 -3.71 7.75 15.44
C LEU A 199 -3.17 7.68 14.00
N ILE A 200 -3.00 6.47 13.50
CA ILE A 200 -2.75 6.23 12.07
C ILE A 200 -3.92 5.38 11.55
N PHE A 201 -4.56 5.82 10.48
CA PHE A 201 -5.60 5.00 9.87
C PHE A 201 -5.19 4.56 8.47
N MET A 202 -5.33 3.26 8.18
CA MET A 202 -4.93 2.70 6.90
C MET A 202 -6.08 1.97 6.25
N PHE A 203 -6.11 1.94 4.93
CA PHE A 203 -7.00 0.99 4.26
C PHE A 203 -6.49 -0.44 4.37
N LYS A 204 -7.35 -1.42 4.11
CA LYS A 204 -6.91 -2.80 4.01
C LYS A 204 -7.59 -3.40 2.79
N ASN A 205 -6.86 -3.56 1.69
CA ASN A 205 -7.56 -3.81 0.42
C ASN A 205 -7.94 -5.25 0.11
N THR A 206 -7.72 -6.13 1.08
CA THR A 206 -8.11 -7.55 1.04
C THR A 206 -9.50 -7.90 0.46
N PRO A 207 -10.61 -7.33 1.00
CA PRO A 207 -11.95 -7.78 0.57
C PRO A 207 -12.34 -7.22 -0.82
N ALA A 208 -11.54 -7.56 -1.81
CA ALA A 208 -11.56 -6.91 -3.12
C ALA A 208 -12.85 -7.10 -3.92
N ALA A 209 -13.54 -8.23 -3.70
CA ALA A 209 -14.81 -8.49 -4.39
C ALA A 209 -15.89 -7.47 -4.00
N GLU A 210 -15.72 -6.80 -2.87
CA GLU A 210 -16.69 -5.77 -2.48
C GLU A 210 -16.42 -4.39 -3.06
N GLY A 211 -15.23 -4.21 -3.65
CA GLY A 211 -14.91 -3.00 -4.42
C GLY A 211 -14.82 -1.69 -3.68
N ASN A 212 -14.46 -1.74 -2.40
CA ASN A 212 -14.38 -0.52 -1.58
C ASN A 212 -13.01 0.19 -1.59
N ASP A 213 -12.13 -0.21 -2.51
CA ASP A 213 -10.78 0.40 -2.58
C ASP A 213 -10.77 1.93 -2.68
N SER A 214 -11.49 2.47 -3.66
CA SER A 214 -11.43 3.89 -3.98
C SER A 214 -12.07 4.75 -2.88
N THR A 215 -13.16 4.26 -2.33
CA THR A 215 -13.87 4.99 -1.30
C THR A 215 -13.13 4.94 0.04
N THR A 216 -12.58 3.79 0.39
CA THR A 216 -11.79 3.70 1.62
C THR A 216 -10.55 4.59 1.54
N GLU A 217 -9.83 4.55 0.42
CA GLU A 217 -8.61 5.37 0.31
C GLU A 217 -8.95 6.88 0.35
N SER A 218 -10.04 7.24 -0.32
CA SER A 218 -10.62 8.59 -0.21
C SER A 218 -10.85 9.01 1.24
N TYR A 219 -11.48 8.14 2.04
CA TYR A 219 -11.67 8.43 3.47
C TYR A 219 -10.33 8.61 4.21
N MET A 220 -9.38 7.69 3.98
CA MET A 220 -8.09 7.74 4.71
C MET A 220 -7.42 9.08 4.44
N LYS A 221 -7.44 9.49 3.18
CA LYS A 221 -6.86 10.78 2.78
C LYS A 221 -7.60 11.95 3.41
N GLY A 222 -8.93 11.91 3.37
CA GLY A 222 -9.73 13.00 3.92
C GLY A 222 -9.69 13.11 5.43
N LEU A 223 -9.69 11.97 6.12
CA LEU A 223 -9.50 11.93 7.59
C LEU A 223 -8.21 12.62 7.99
N TRP A 224 -7.14 12.34 7.26
CA TRP A 224 -5.82 12.97 7.49
C TRP A 224 -5.84 14.48 7.26
N LEU A 225 -6.37 14.89 6.12
CA LEU A 225 -6.45 16.29 5.75
C LEU A 225 -7.34 17.12 6.68
N SER A 226 -8.35 16.48 7.27
CA SER A 226 -9.25 17.16 8.19
C SER A 226 -8.88 16.98 9.68
N ASN A 227 -7.68 16.45 9.93
CA ASN A 227 -7.11 16.31 11.29
C ASN A 227 -7.85 15.29 12.16
N HIS A 228 -8.43 14.25 11.56
CA HIS A 228 -9.02 13.17 12.33
C HIS A 228 -8.04 12.00 12.50
N THR A 229 -6.92 12.05 11.79
N THR A 229 -6.94 12.03 11.75
CA THR A 229 -5.84 11.09 11.98
CA THR A 229 -5.84 11.08 11.93
C THR A 229 -4.53 11.81 11.74
C THR A 229 -4.54 11.83 11.74
N TYR A 230 -3.47 11.37 12.40
CA TYR A 230 -2.15 12.00 12.28
C TYR A 230 -1.49 11.78 10.91
N GLN A 231 -1.61 10.56 10.40
CA GLN A 231 -1.15 10.18 9.06
C GLN A 231 -1.99 8.98 8.65
N TRP A 232 -1.78 8.55 7.42
CA TRP A 232 -2.55 7.47 6.84
C TRP A 232 -1.67 6.59 5.94
N GLY A 233 -2.22 5.45 5.53
CA GLY A 233 -1.52 4.59 4.60
C GLY A 233 -2.44 3.49 4.16
N GLY A 234 -1.88 2.34 3.81
CA GLY A 234 -2.69 1.23 3.36
C GLY A 234 -1.97 -0.09 3.51
N LEU A 235 -2.76 -1.14 3.71
CA LEU A 235 -2.23 -2.47 3.70
C LEU A 235 -2.69 -3.04 2.38
N MET A 236 -1.72 -3.41 1.55
CA MET A 236 -1.97 -3.91 0.19
C MET A 236 -1.75 -5.41 0.18
N ASP A 237 -2.76 -6.12 -0.30
CA ASP A 237 -2.87 -7.55 0.01
C ASP A 237 -3.03 -8.39 -1.25
N THR A 238 -2.07 -9.30 -1.49
CA THR A 238 -2.11 -10.15 -2.67
C THR A 238 -3.27 -11.18 -2.59
N TRP A 239 -3.85 -11.35 -1.40
CA TRP A 239 -5.06 -12.17 -1.26
C TRP A 239 -6.25 -11.62 -2.10
N LYS A 240 -6.12 -10.39 -2.65
CA LYS A 240 -7.18 -9.83 -3.48
C LYS A 240 -7.48 -10.70 -4.70
N TRP A 241 -6.46 -11.43 -5.17
CA TRP A 241 -6.54 -12.31 -6.32
C TRP A 241 -7.46 -13.52 -6.01
N TYR A 242 -7.34 -14.06 -4.79
CA TYR A 242 -8.27 -15.06 -4.23
C TYR A 242 -9.70 -14.54 -4.11
N GLU A 243 -9.87 -13.39 -3.45
CA GLU A 243 -11.20 -12.80 -3.20
C GLU A 243 -11.98 -12.56 -4.49
N THR A 244 -11.27 -12.18 -5.56
CA THR A 244 -11.91 -11.88 -6.83
C THR A 244 -11.96 -13.07 -7.78
N GLY A 245 -11.44 -14.21 -7.32
CA GLY A 245 -11.53 -15.46 -8.08
C GLY A 245 -10.68 -15.58 -9.34
N LYS A 246 -9.58 -14.81 -9.43
CA LYS A 246 -8.69 -14.92 -10.58
C LYS A 246 -7.78 -16.15 -10.46
N TRP A 247 -7.20 -16.57 -11.58
CA TRP A 247 -6.27 -17.68 -11.53
C TRP A 247 -5.03 -17.37 -12.35
N LYS A 248 -4.65 -18.21 -13.31
CA LYS A 248 -3.47 -17.94 -14.12
C LYS A 248 -3.59 -16.54 -14.76
N LEU A 249 -2.45 -15.85 -14.85
CA LEU A 249 -2.41 -14.48 -15.35
C LEU A 249 -2.95 -14.42 -16.76
N PHE A 250 -3.91 -13.49 -16.97
CA PHE A 250 -4.56 -13.23 -18.26
C PHE A 250 -5.54 -14.32 -18.75
N ALA A 251 -5.66 -15.39 -17.99
CA ALA A 251 -6.53 -16.52 -18.40
C ALA A 251 -8.00 -16.13 -18.27
N SER A 252 -8.87 -16.74 -19.07
CA SER A 252 -10.28 -16.40 -18.93
C SER A 252 -10.97 -17.35 -17.95
N GLY A 253 -12.12 -16.92 -17.46
CA GLY A 253 -12.87 -17.71 -16.46
C GLY A 253 -12.54 -17.31 -15.03
N ASN A 254 -13.48 -17.54 -14.13
CA ASN A 254 -13.34 -17.16 -12.74
C ASN A 254 -13.50 -18.41 -11.91
N ILE A 255 -12.59 -18.64 -10.97
CA ILE A 255 -12.62 -19.88 -10.17
C ILE A 255 -13.16 -19.66 -8.75
N GLY A 256 -13.57 -18.42 -8.47
CA GLY A 256 -14.01 -18.00 -7.14
C GLY A 256 -12.93 -18.21 -6.08
N LYS A 257 -13.35 -18.34 -4.83
CA LYS A 257 -12.43 -18.36 -3.70
C LYS A 257 -12.07 -19.83 -3.40
N SER A 258 -11.37 -20.46 -4.34
CA SER A 258 -11.27 -21.92 -4.34
C SER A 258 -9.85 -22.44 -4.28
N GLN A 259 -8.88 -21.54 -4.46
CA GLN A 259 -7.49 -21.98 -4.57
C GLN A 259 -6.61 -20.97 -3.87
N GLY A 260 -6.97 -20.69 -2.63
CA GLY A 260 -6.39 -19.57 -1.86
C GLY A 260 -4.89 -19.44 -2.02
N ASP A 261 -4.16 -20.53 -1.76
CA ASP A 261 -2.70 -20.45 -1.67
C ASP A 261 -1.97 -20.32 -3.01
N ARG A 262 -2.54 -20.86 -4.08
CA ARG A 262 -2.07 -20.53 -5.44
C ARG A 262 -2.39 -19.06 -5.80
N GLN A 263 -3.56 -18.61 -5.36
CA GLN A 263 -4.08 -17.30 -5.74
C GLN A 263 -3.29 -16.12 -5.15
N TRP A 264 -2.93 -16.19 -3.86
CA TRP A 264 -2.18 -15.08 -3.25
C TRP A 264 -0.74 -14.98 -3.72
N LEU A 265 -0.27 -15.98 -4.47
CA LEU A 265 1.05 -15.90 -5.10
C LEU A 265 1.03 -15.23 -6.48
N THR A 266 -0.15 -15.13 -7.07
CA THR A 266 -0.23 -14.83 -8.50
C THR A 266 -0.22 -13.34 -8.88
N GLU A 267 -0.67 -12.44 -8.00
CA GLU A 267 -0.59 -11.01 -8.33
C GLU A 267 0.82 -10.59 -8.84
N PRO A 268 0.88 -9.97 -10.04
CA PRO A 268 2.18 -9.49 -10.53
C PRO A 268 2.90 -8.60 -9.47
N GLU A 269 4.21 -8.83 -9.31
CA GLU A 269 5.03 -8.12 -8.33
C GLU A 269 4.93 -6.59 -8.49
N SER A 270 5.10 -6.12 -9.72
CA SER A 270 5.06 -4.68 -10.01
C SER A 270 3.72 -4.01 -9.69
N MET A 271 2.63 -4.78 -9.78
CA MET A 271 1.31 -4.27 -9.43
C MET A 271 1.20 -3.78 -7.97
N LEU A 272 1.93 -4.39 -7.05
CA LEU A 272 2.02 -3.87 -5.67
C LEU A 272 2.60 -2.46 -5.62
N GLY A 273 3.56 -2.18 -6.51
CA GLY A 273 4.13 -0.82 -6.65
C GLY A 273 3.08 0.14 -7.17
N GLU A 274 2.29 -0.31 -8.15
CA GLU A 274 1.16 0.48 -8.67
C GLU A 274 0.14 0.84 -7.56
N GLU A 275 -0.17 -0.14 -6.70
CA GLU A 275 -1.06 0.14 -5.54
C GLU A 275 -0.40 1.13 -4.58
N ALA A 276 0.87 0.93 -4.25
CA ALA A 276 1.58 1.80 -3.32
C ALA A 276 1.65 3.25 -3.80
N LEU A 277 1.70 3.46 -5.11
CA LEU A 277 1.70 4.81 -5.68
C LEU A 277 0.47 5.63 -5.29
N GLY A 278 -0.68 4.97 -5.15
CA GLY A 278 -1.91 5.67 -4.73
C GLY A 278 -1.81 6.21 -3.29
N VAL A 279 -1.04 5.53 -2.45
CA VAL A 279 -0.73 6.03 -1.10
C VAL A 279 0.23 7.24 -1.23
N TYR A 280 1.40 6.98 -1.81
CA TYR A 280 2.45 7.99 -1.89
C TYR A 280 1.98 9.30 -2.52
N LEU A 281 1.32 9.19 -3.67
CA LEU A 281 0.98 10.34 -4.48
C LEU A 281 -0.09 11.21 -3.83
N ASN A 282 -0.70 10.69 -2.77
CA ASN A 282 -1.76 11.38 -2.07
C ASN A 282 -1.42 11.72 -0.62
N GLY A 283 -0.13 11.67 -0.31
CA GLY A 283 0.37 12.15 0.98
C GLY A 283 0.42 11.08 2.06
N GLY A 284 0.05 9.84 1.72
CA GLY A 284 0.10 8.72 2.68
C GLY A 284 1.54 8.28 2.88
N VAL A 285 1.85 7.72 4.06
CA VAL A 285 3.25 7.46 4.44
C VAL A 285 3.49 6.14 5.19
N VAL A 286 2.41 5.39 5.43
CA VAL A 286 2.48 4.08 6.09
C VAL A 286 2.14 2.95 5.13
N TYR A 287 3.01 1.95 5.06
CA TYR A 287 2.89 0.86 4.10
C TYR A 287 2.95 -0.49 4.82
N ASN A 288 2.08 -1.40 4.40
CA ASN A 288 2.07 -2.76 4.94
C ASN A 288 1.52 -3.67 3.88
N PHE A 289 1.91 -4.94 3.93
CA PHE A 289 1.54 -5.89 2.90
C PHE A 289 1.22 -7.31 3.44
N GLU A 290 0.33 -7.99 2.72
CA GLU A 290 0.14 -9.44 2.84
C GLU A 290 0.10 -9.95 1.40
N HIS A 291 0.32 -11.25 1.13
CA HIS A 291 0.75 -12.28 2.09
C HIS A 291 2.24 -12.06 2.38
N PRO A 292 2.65 -12.06 3.66
CA PRO A 292 4.05 -11.73 4.04
C PRO A 292 5.14 -12.61 3.41
N ALA A 293 4.83 -13.86 3.10
CA ALA A 293 5.83 -14.77 2.58
C ALA A 293 6.17 -14.38 1.14
N TYR A 294 5.20 -13.80 0.44
CA TYR A 294 5.41 -13.40 -0.94
C TYR A 294 5.92 -11.96 -0.98
N THR A 295 5.31 -11.10 -0.16
CA THR A 295 5.57 -9.66 -0.21
C THR A 295 6.86 -9.27 0.48
N TYR A 296 7.25 -10.01 1.53
CA TYR A 296 8.49 -9.73 2.22
C TYR A 296 9.54 -10.84 2.05
N GLY A 297 9.15 -12.09 2.30
CA GLY A 297 10.11 -13.18 2.18
C GLY A 297 9.93 -14.24 3.25
N VAL A 298 10.90 -15.17 3.30
CA VAL A 298 10.89 -16.28 4.23
C VAL A 298 12.32 -16.51 4.72
N ASN A 299 12.47 -17.17 5.86
CA ASN A 299 13.79 -17.57 6.37
C ASN A 299 14.81 -16.44 6.41
N ASN A 300 14.33 -15.25 6.78
CA ASN A 300 15.19 -14.07 6.89
C ASN A 300 15.79 -13.63 5.55
N LYS A 301 15.20 -14.09 4.45
CA LYS A 301 15.62 -13.70 3.10
C LYS A 301 14.56 -12.82 2.44
N GLU A 302 14.97 -11.83 1.66
CA GLU A 302 14.01 -11.01 0.92
C GLU A 302 13.47 -11.75 -0.29
N SER A 303 12.15 -11.82 -0.43
CA SER A 303 11.56 -12.28 -1.69
C SER A 303 11.93 -11.30 -2.80
N LEU A 304 11.84 -11.73 -4.07
CA LEU A 304 12.11 -10.83 -5.19
C LEU A 304 11.08 -9.69 -5.29
N LEU A 305 9.84 -9.98 -4.94
CA LEU A 305 8.83 -8.93 -4.85
C LEU A 305 9.37 -7.85 -3.90
N PHE A 306 9.83 -8.25 -2.73
CA PHE A 306 10.36 -7.26 -1.79
C PHE A 306 11.61 -6.57 -2.33
N SER A 307 12.59 -7.34 -2.79
CA SER A 307 13.86 -6.74 -3.21
C SER A 307 13.73 -5.81 -4.43
N GLU A 308 12.95 -6.24 -5.43
CA GLU A 308 12.90 -5.54 -6.73
C GLU A 308 11.81 -4.49 -6.84
N VAL A 309 10.78 -4.58 -6.00
CA VAL A 309 9.66 -3.65 -6.06
C VAL A 309 9.49 -2.83 -4.76
N ILE A 310 9.15 -3.51 -3.65
CA ILE A 310 8.78 -2.81 -2.43
C ILE A 310 9.96 -2.05 -1.83
N LYS A 311 11.11 -2.70 -1.72
CA LYS A 311 12.30 -2.04 -1.15
C LYS A 311 12.68 -0.81 -1.98
N GLU A 312 12.72 -0.98 -3.30
N GLU A 312 12.68 -0.96 -3.30
CA GLU A 312 13.03 0.12 -4.22
CA GLU A 312 13.07 0.11 -4.19
C GLU A 312 12.01 1.24 -4.01
C GLU A 312 12.00 1.24 -4.26
N PHE A 313 10.73 0.87 -4.08
CA PHE A 313 9.66 1.86 -3.95
C PHE A 313 9.78 2.62 -2.63
N PHE A 314 10.02 1.90 -1.53
CA PHE A 314 10.09 2.54 -0.22
C PHE A 314 11.31 3.46 -0.11
N ARG A 315 12.43 3.03 -0.67
CA ARG A 315 13.60 3.90 -0.76
C ARG A 315 13.28 5.19 -1.52
N TYR A 316 12.52 5.06 -2.61
CA TYR A 316 12.04 6.22 -3.36
C TYR A 316 11.27 7.23 -2.48
N VAL A 317 10.34 6.74 -1.65
CA VAL A 317 9.52 7.68 -0.85
C VAL A 317 10.28 8.32 0.33
N ILE A 318 11.39 7.70 0.72
CA ILE A 318 12.32 8.30 1.70
C ILE A 318 13.14 9.41 1.02
N ALA A 319 13.63 9.13 -0.19
CA ALA A 319 14.44 10.09 -0.96
C ALA A 319 13.62 11.27 -1.49
N HIS A 320 12.34 11.01 -1.78
CA HIS A 320 11.45 12.04 -2.28
C HIS A 320 10.20 12.04 -1.40
N PRO A 321 10.27 12.70 -0.24
CA PRO A 321 9.13 12.67 0.68
C PRO A 321 7.80 12.97 -0.02
N ALA A 322 6.76 12.22 0.36
CA ALA A 322 5.41 12.42 -0.13
C ALA A 322 4.97 13.89 0.04
N PRO A 323 3.99 14.35 -0.77
CA PRO A 323 3.44 15.70 -0.57
C PRO A 323 3.00 15.92 0.89
N SER A 324 3.37 17.06 1.47
CA SER A 324 2.98 17.37 2.85
C SER A 324 1.47 17.58 2.94
N LYS A 325 0.94 17.55 4.16
CA LYS A 325 -0.46 17.87 4.37
C LYS A 325 -0.77 19.27 3.82
N GLU A 326 0.12 20.22 4.06
CA GLU A 326 -0.02 21.59 3.55
C GLU A 326 -0.12 21.59 2.02
N LYS A 327 0.79 20.88 1.35
CA LYS A 327 0.78 20.80 -0.12
C LYS A 327 -0.46 20.11 -0.68
N VAL A 328 -0.87 19.00 -0.08
CA VAL A 328 -2.08 18.30 -0.53
C VAL A 328 -3.30 19.22 -0.35
N LEU A 329 -3.41 19.86 0.82
CA LEU A 329 -4.46 20.85 1.06
C LEU A 329 -4.53 21.94 0.00
N GLU A 330 -3.37 22.50 -0.38
CA GLU A 330 -3.30 23.53 -1.43
C GLU A 330 -3.79 23.06 -2.80
N ASP A 331 -3.49 21.81 -3.15
CA ASP A 331 -3.88 21.21 -4.43
C ASP A 331 -5.34 20.70 -4.47
N THR A 332 -5.96 20.53 -3.31
CA THR A 332 -7.30 19.93 -3.22
C THR A 332 -8.37 20.92 -3.66
N LYS A 333 -9.10 20.57 -4.72
CA LYS A 333 -10.15 21.45 -5.24
C LYS A 333 -11.54 21.10 -4.71
N VAL A 334 -11.75 19.80 -4.45
CA VAL A 334 -13.02 19.28 -3.92
C VAL A 334 -12.76 18.39 -2.72
N PHE A 335 -13.55 18.58 -1.66
CA PHE A 335 -13.50 17.71 -0.50
C PHE A 335 -14.93 17.21 -0.18
N ILE A 336 -15.14 15.91 -0.22
CA ILE A 336 -16.47 15.35 -0.05
C ILE A 336 -16.82 15.12 1.43
N HIS A 337 -18.01 15.57 1.84
CA HIS A 337 -18.52 15.27 3.20
C HIS A 337 -19.79 14.40 3.11
N GLY A 338 -19.69 13.19 3.64
CA GLY A 338 -20.82 12.26 3.62
C GLY A 338 -20.42 10.80 3.43
N ASP A 339 -21.44 9.95 3.36
CA ASP A 339 -21.28 8.50 3.43
C ASP A 339 -21.29 7.85 2.05
N TYR A 340 -20.17 7.28 1.63
CA TYR A 340 -20.11 6.53 0.39
C TYR A 340 -21.03 5.29 0.39
N SER A 341 -21.28 4.71 1.58
CA SER A 341 -22.21 3.58 1.73
C SER A 341 -23.62 3.84 1.22
N ASN A 342 -24.00 5.12 1.20
N ASN A 342 -24.03 5.11 1.18
CA ASN A 342 -25.29 5.57 0.68
CA ASN A 342 -25.34 5.48 0.66
C ASN A 342 -25.23 6.15 -0.73
C ASN A 342 -25.31 5.79 -0.85
N LYS A 343 -24.11 5.91 -1.42
CA LYS A 343 -23.94 6.33 -2.83
C LYS A 343 -23.18 5.29 -3.65
N GLY A 344 -23.37 4.02 -3.32
CA GLY A 344 -22.91 2.90 -4.14
C GLY A 344 -21.52 2.42 -3.82
N ASN A 345 -20.95 2.91 -2.72
CA ASN A 345 -19.60 2.54 -2.30
C ASN A 345 -18.62 2.74 -3.45
N GLY A 346 -17.86 1.71 -3.83
CA GLY A 346 -16.85 1.82 -4.89
C GLY A 346 -17.34 2.22 -6.28
N LYS A 347 -18.62 1.96 -6.53
CA LYS A 347 -19.24 2.35 -7.78
C LYS A 347 -19.21 3.87 -7.97
N PHE A 348 -19.13 4.61 -6.87
CA PHE A 348 -19.04 6.09 -6.90
C PHE A 348 -18.00 6.58 -7.91
N PHE A 349 -16.86 5.88 -7.97
CA PHE A 349 -15.73 6.34 -8.78
C PHE A 349 -15.53 5.56 -10.08
N VAL A 350 -16.31 4.50 -10.29
CA VAL A 350 -16.21 3.73 -11.53
C VAL A 350 -16.57 4.60 -12.73
N ASN A 351 -15.69 4.58 -13.73
CA ASN A 351 -15.76 5.47 -14.90
C ASN A 351 -15.64 6.97 -14.55
N VAL A 352 -15.21 7.25 -13.32
CA VAL A 352 -14.76 8.59 -12.95
C VAL A 352 -13.23 8.55 -12.91
N ASN A 353 -12.66 7.81 -11.95
CA ASN A 353 -11.21 7.53 -11.99
C ASN A 353 -10.81 6.06 -11.77
N THR A 354 -11.78 5.14 -11.77
CA THR A 354 -11.44 3.72 -11.74
C THR A 354 -12.12 3.03 -12.91
N ASP A 355 -11.51 1.98 -13.45
CA ASP A 355 -12.03 1.41 -14.70
C ASP A 355 -13.04 0.28 -14.45
N ARG A 356 -13.19 -0.14 -13.21
CA ARG A 356 -14.11 -1.25 -12.91
C ARG A 356 -14.41 -1.25 -11.43
N GLU A 357 -15.36 -2.08 -11.02
CA GLU A 357 -15.81 -2.13 -9.63
C GLU A 357 -14.77 -2.76 -8.71
N GLN A 358 -14.03 -3.75 -9.22
CA GLN A 358 -13.06 -4.44 -8.36
C GLN A 358 -11.65 -4.24 -8.89
N THR A 359 -11.00 -3.19 -8.39
CA THR A 359 -9.62 -2.87 -8.73
C THR A 359 -9.00 -2.00 -7.64
N PRO A 360 -7.69 -2.18 -7.38
CA PRO A 360 -6.95 -1.31 -6.46
C PRO A 360 -6.21 -0.18 -7.21
N LEU A 361 -6.50 -0.04 -8.49
CA LEU A 361 -5.80 0.90 -9.36
C LEU A 361 -6.72 2.03 -9.83
N TYR A 362 -6.10 3.07 -10.39
CA TYR A 362 -6.84 4.18 -11.00
C TYR A 362 -6.57 4.24 -12.50
N MET A 363 -7.50 4.82 -13.25
CA MET A 363 -7.37 4.92 -14.71
C MET A 363 -7.01 6.34 -15.16
N THR A 364 -7.15 7.29 -14.25
CA THR A 364 -6.63 8.63 -14.45
C THR A 364 -6.11 9.26 -13.16
N GLY A 365 -5.05 10.06 -13.24
CA GLY A 365 -4.59 10.86 -12.10
C GLY A 365 -5.19 12.27 -12.05
N ARG A 366 -6.13 12.56 -12.95
CA ARG A 366 -6.62 13.93 -13.18
C ARG A 366 -7.20 14.59 -11.93
N TYR A 367 -7.88 13.80 -11.11
CA TYR A 367 -8.45 14.28 -9.86
C TYR A 367 -7.62 13.80 -8.66
N ASN A 368 -6.50 13.15 -8.97
CA ASN A 368 -5.85 12.23 -8.02
C ASN A 368 -6.86 11.46 -7.18
N VAL A 369 -6.71 11.44 -5.85
CA VAL A 369 -7.75 10.85 -4.99
C VAL A 369 -8.54 12.00 -4.35
N ILE A 370 -9.84 12.05 -4.64
CA ILE A 370 -10.72 13.02 -4.03
C ILE A 370 -10.91 12.62 -2.57
N PRO A 371 -10.54 13.52 -1.64
CA PRO A 371 -10.64 13.19 -0.23
C PRO A 371 -12.06 13.34 0.28
N ALA A 372 -12.39 12.56 1.29
CA ALA A 372 -13.71 12.60 1.91
C ALA A 372 -13.63 12.20 3.36
N ILE A 373 -14.64 12.61 4.13
CA ILE A 373 -14.90 12.06 5.46
C ILE A 373 -16.37 11.64 5.60
N PRO A 374 -16.65 10.63 6.44
CA PRO A 374 -17.99 10.15 6.73
C PRO A 374 -18.96 11.29 7.16
N GLY A 375 -20.24 11.16 6.83
CA GLY A 375 -21.24 12.18 7.21
C GLY A 375 -21.24 12.52 8.69
N VAL A 376 -20.91 11.55 9.54
CA VAL A 376 -20.97 11.77 11.00
C VAL A 376 -19.98 12.82 11.53
N LEU A 377 -18.88 13.01 10.83
CA LEU A 377 -17.85 13.94 11.24
C LEU A 377 -18.15 15.36 10.78
N LYS A 378 -17.40 16.30 11.35
CA LYS A 378 -17.50 17.70 11.03
C LYS A 378 -16.25 18.14 10.28
N THR A 379 -16.40 19.18 9.48
CA THR A 379 -15.30 19.73 8.69
C THR A 379 -14.68 20.97 9.36
N ASP A 380 -15.00 21.18 10.64
CA ASP A 380 -14.49 22.31 11.43
C ASP A 380 -12.96 22.46 11.40
N LYS A 381 -12.25 21.40 11.75
CA LYS A 381 -10.77 21.46 11.78
C LYS A 381 -10.17 21.64 10.39
N LEU A 382 -10.87 21.12 9.37
CA LEU A 382 -10.48 21.33 7.97
C LEU A 382 -10.51 22.81 7.62
N LYS A 383 -11.64 23.46 7.91
CA LYS A 383 -11.87 24.87 7.60
C LYS A 383 -10.99 25.83 8.39
N GLU A 384 -10.51 25.38 9.56
CA GLU A 384 -9.57 26.16 10.39
C GLU A 384 -8.18 26.28 9.76
N SER A 385 -7.86 25.38 8.83
CA SER A 385 -6.54 25.37 8.22
C SER A 385 -6.29 26.61 7.37
N VAL A 386 -5.06 27.13 7.47
CA VAL A 386 -4.60 28.25 6.62
C VAL A 386 -4.57 27.87 5.13
N SER A 387 -4.50 26.56 4.86
CA SER A 387 -4.29 26.03 3.51
C SER A 387 -5.57 25.55 2.79
N SER A 388 -6.72 25.67 3.45
CA SER A 388 -7.97 25.11 2.94
C SER A 388 -8.98 26.11 2.34
N SER A 389 -8.60 27.39 2.27
CA SER A 389 -9.55 28.44 1.83
C SER A 389 -10.01 28.31 0.37
N ARG A 390 -9.27 27.56 -0.45
CA ARG A 390 -9.65 27.38 -1.86
C ARG A 390 -10.30 26.02 -2.19
N ILE A 391 -10.66 25.28 -1.15
CA ILE A 391 -11.34 23.99 -1.30
C ILE A 391 -12.85 24.17 -1.32
N GLN A 392 -13.52 23.57 -2.30
CA GLN A 392 -14.96 23.40 -2.26
C GLN A 392 -15.31 22.17 -1.42
N ILE A 393 -15.87 22.42 -0.24
CA ILE A 393 -16.35 21.36 0.65
C ILE A 393 -17.78 21.06 0.28
N LYS A 394 -18.04 19.87 -0.23
CA LYS A 394 -19.36 19.52 -0.75
C LYS A 394 -19.98 18.31 -0.08
N GLU A 395 -21.28 18.39 0.20
CA GLU A 395 -22.05 17.23 0.64
C GLU A 395 -22.10 16.19 -0.46
N ILE A 396 -21.96 14.91 -0.10
CA ILE A 396 -22.01 13.82 -1.07
C ILE A 396 -23.41 13.68 -1.67
N THR A 397 -24.40 14.24 -0.98
CA THR A 397 -25.79 14.28 -1.45
C THR A 397 -26.06 15.43 -2.47
N SER A 398 -25.05 16.27 -2.72
CA SER A 398 -25.16 17.37 -3.73
C SER A 398 -25.51 16.83 -5.11
N PRO A 399 -26.27 17.59 -5.92
CA PRO A 399 -26.55 17.11 -7.29
C PRO A 399 -25.29 16.82 -8.14
N GLU A 400 -24.20 17.51 -7.84
CA GLU A 400 -22.95 17.28 -8.56
C GLU A 400 -22.42 15.84 -8.44
N PHE A 401 -22.88 15.11 -7.41
CA PHE A 401 -22.39 13.75 -7.15
C PHE A 401 -23.46 12.67 -7.37
N SER A 402 -24.58 13.04 -8.00
CA SER A 402 -25.75 12.15 -8.09
C SER A 402 -25.61 11.03 -9.11
N SER A 403 -24.81 11.24 -10.15
CA SER A 403 -24.53 10.20 -11.13
C SER A 403 -23.07 10.24 -11.60
N THR A 404 -22.67 9.22 -12.37
CA THR A 404 -21.33 9.17 -12.95
C THR A 404 -21.06 10.40 -13.81
N GLN A 405 -21.99 10.73 -14.71
CA GLN A 405 -21.83 11.87 -15.62
C GLN A 405 -21.72 13.19 -14.86
N ALA A 406 -22.59 13.40 -13.87
CA ALA A 406 -22.55 14.62 -13.06
C ALA A 406 -21.23 14.78 -12.31
N ARG A 407 -20.69 13.68 -11.76
CA ARG A 407 -19.40 13.76 -11.06
C ARG A 407 -18.30 14.24 -11.99
N LYS A 408 -18.20 13.62 -13.17
CA LYS A 408 -17.19 13.99 -14.15
C LYS A 408 -17.36 15.42 -14.64
N GLU A 409 -18.59 15.81 -14.94
CA GLU A 409 -18.88 17.18 -15.36
C GLU A 409 -18.47 18.22 -14.31
N TYR A 410 -18.81 17.97 -13.05
CA TYR A 410 -18.41 18.88 -11.96
C TYR A 410 -16.87 18.88 -11.72
N LEU A 411 -16.28 17.70 -11.58
CA LEU A 411 -14.84 17.62 -11.30
C LEU A 411 -14.02 18.21 -12.46
N ASN A 412 -14.43 17.96 -13.70
CA ASN A 412 -13.67 18.44 -14.87
C ASN A 412 -13.52 19.94 -14.93
N LYS A 413 -14.51 20.65 -14.41
CA LYS A 413 -14.42 22.12 -14.39
C LYS A 413 -13.38 22.63 -13.38
N LEU A 414 -13.09 21.81 -12.37
CA LEU A 414 -12.14 22.18 -11.32
C LEU A 414 -10.76 21.52 -11.43
N TYR A 415 -10.69 20.39 -12.14
CA TYR A 415 -9.43 19.69 -12.36
C TYR A 415 -9.23 19.63 -13.88
N PRO A 416 -8.33 20.47 -14.41
CA PRO A 416 -8.19 20.51 -15.86
C PRO A 416 -7.56 19.20 -16.37
N MET A 417 -7.81 18.89 -17.64
CA MET A 417 -7.19 17.75 -18.28
C MET A 417 -5.71 18.09 -18.45
N ASN A 418 -4.81 17.23 -17.98
CA ASN A 418 -3.39 17.60 -18.05
C ASN A 418 -2.44 16.59 -18.71
N TYR A 419 -3.04 15.64 -19.43
CA TYR A 419 -2.31 14.75 -20.31
C TYR A 419 -3.30 14.06 -21.25
N GLU A 420 -2.79 13.36 -22.26
CA GLU A 420 -3.63 12.63 -23.20
C GLU A 420 -3.31 11.14 -23.17
N GLY A 421 -4.31 10.33 -23.52
CA GLY A 421 -4.11 8.89 -23.66
C GLY A 421 -4.87 8.12 -22.60
N ASP A 422 -5.21 6.88 -22.94
CA ASP A 422 -5.95 6.02 -22.04
C ASP A 422 -4.91 5.23 -21.25
N ILE A 423 -4.51 5.78 -20.11
CA ILE A 423 -3.43 5.25 -19.27
C ILE A 423 -3.46 6.04 -17.96
N PHE A 424 -2.94 5.49 -16.86
CA PHE A 424 -2.87 6.28 -15.64
C PHE A 424 -1.65 7.19 -15.69
N ALA A 425 -1.88 8.48 -15.42
CA ALA A 425 -0.81 9.45 -15.20
C ALA A 425 -1.19 10.53 -14.20
N GLN A 426 -0.23 10.92 -13.38
CA GLN A 426 -0.44 11.99 -12.39
C GLN A 426 0.87 12.73 -12.28
N LYS A 427 0.78 14.06 -12.15
CA LYS A 427 1.96 14.91 -12.09
C LYS A 427 2.20 15.50 -10.71
N LEU A 428 3.45 15.46 -10.26
CA LEU A 428 3.87 16.12 -9.04
C LEU A 428 5.14 16.92 -9.36
N ASP A 429 5.12 18.24 -9.12
CA ASP A 429 6.25 19.12 -9.47
C ASP A 429 6.84 18.85 -10.87
N ASN A 430 8.09 18.38 -10.95
CA ASN A 430 8.71 18.09 -12.23
C ASN A 430 8.66 16.60 -12.61
N ARG A 431 7.73 15.88 -11.99
CA ARG A 431 7.69 14.42 -12.16
C ARG A 431 6.35 13.93 -12.69
N TRP A 432 6.42 13.13 -13.76
CA TRP A 432 5.28 12.34 -14.22
C TRP A 432 5.35 10.91 -13.74
N PHE A 433 4.25 10.49 -13.11
CA PHE A 433 4.09 9.14 -12.63
C PHE A 433 3.08 8.49 -13.56
N VAL A 434 3.45 7.35 -14.13
CA VAL A 434 2.61 6.69 -15.16
C VAL A 434 2.50 5.21 -14.85
N TYR A 435 1.29 4.65 -14.96
CA TYR A 435 1.17 3.20 -15.03
C TYR A 435 0.06 2.73 -15.94
N ASN A 436 0.24 1.53 -16.47
CA ASN A 436 -0.79 0.81 -17.20
C ASN A 436 -1.78 0.27 -16.17
N TYR A 437 -3.07 0.57 -16.33
CA TYR A 437 -4.04 0.27 -15.27
C TYR A 437 -4.80 -1.05 -15.41
N LYS A 438 -4.49 -1.82 -16.43
CA LYS A 438 -5.07 -3.16 -16.60
C LYS A 438 -4.67 -4.10 -15.46
N VAL A 439 -5.65 -4.82 -14.93
CA VAL A 439 -5.41 -5.75 -13.83
C VAL A 439 -5.05 -7.13 -14.37
N ASN A 440 -5.88 -7.68 -15.27
CA ASN A 440 -5.69 -9.06 -15.71
C ASN A 440 -6.02 -9.19 -17.21
N GLU A 441 -5.69 -8.14 -17.97
CA GLU A 441 -5.93 -8.09 -19.42
C GLU A 441 -4.64 -7.65 -20.07
N ASN A 442 -4.20 -8.41 -21.06
CA ASN A 442 -2.90 -8.17 -21.66
C ASN A 442 -3.01 -7.16 -22.79
N VAL A 443 -3.15 -5.87 -22.42
CA VAL A 443 -3.40 -4.81 -23.37
C VAL A 443 -2.43 -3.66 -23.10
N LYS A 444 -1.66 -3.28 -24.11
CA LYS A 444 -0.78 -2.11 -24.02
C LYS A 444 -1.58 -0.83 -23.89
N GLN A 445 -1.02 0.13 -23.17
CA GLN A 445 -1.59 1.48 -23.08
C GLN A 445 -0.55 2.56 -23.45
N THR A 446 -1.04 3.68 -23.94
CA THR A 446 -0.16 4.78 -24.37
C THR A 446 -0.66 6.10 -23.80
N GLY A 447 0.26 7.03 -23.62
CA GLY A 447 -0.11 8.36 -23.14
C GLY A 447 0.86 9.38 -23.68
N LYS A 448 0.41 10.64 -23.72
CA LYS A 448 1.28 11.76 -24.06
C LYS A 448 1.32 12.74 -22.90
N LEU A 449 2.53 12.94 -22.38
CA LEU A 449 2.84 13.79 -21.20
C LEU A 449 3.71 14.95 -21.67
N LYS A 450 3.61 16.09 -20.99
CA LYS A 450 4.44 17.24 -21.32
C LYS A 450 5.20 17.76 -20.10
N PHE A 451 6.45 18.15 -20.32
CA PHE A 451 7.19 18.98 -19.35
C PHE A 451 7.39 20.32 -20.07
N ASN A 452 6.47 21.25 -19.80
CA ASN A 452 6.32 22.47 -20.61
C ASN A 452 6.20 22.13 -22.07
N SER A 453 7.21 22.50 -22.88
CA SER A 453 7.14 22.28 -24.32
C SER A 453 7.67 20.91 -24.75
N LEU A 454 8.35 20.23 -23.84
CA LEU A 454 8.90 18.91 -24.12
C LEU A 454 7.80 17.87 -24.05
N GLU A 455 7.60 17.15 -25.15
CA GLU A 455 6.60 16.08 -25.22
C GLU A 455 7.24 14.72 -25.03
N MET A 456 6.59 13.89 -24.22
CA MET A 456 7.05 12.54 -23.94
C MET A 456 5.87 11.61 -24.12
N ASN A 457 5.97 10.72 -25.10
CA ASN A 457 4.95 9.69 -25.33
C ASN A 457 5.49 8.37 -24.83
N VAL A 458 4.64 7.59 -24.18
CA VAL A 458 5.08 6.33 -23.60
C VAL A 458 4.16 5.22 -24.06
N GLU A 459 4.70 4.00 -24.13
CA GLU A 459 3.90 2.81 -24.36
C GLU A 459 4.28 1.76 -23.32
N PHE A 460 3.26 1.29 -22.59
CA PHE A 460 3.43 0.42 -21.42
C PHE A 460 2.56 -0.80 -21.55
N GLU A 461 3.16 -1.97 -21.32
CA GLU A 461 2.40 -3.20 -21.10
C GLU A 461 1.78 -3.14 -19.70
N PRO A 462 0.82 -4.05 -19.39
CA PRO A 462 0.31 -4.15 -18.02
C PRO A 462 1.40 -4.36 -16.97
N HIS A 463 1.10 -3.95 -15.73
CA HIS A 463 2.01 -4.19 -14.60
C HIS A 463 3.37 -3.53 -14.88
N THR A 464 3.28 -2.25 -15.24
CA THR A 464 4.43 -1.43 -15.54
C THR A 464 4.13 -0.05 -14.99
N TYR A 465 5.04 0.47 -14.15
CA TYR A 465 4.96 1.88 -13.76
C TYR A 465 6.31 2.57 -14.00
N GLY A 466 6.23 3.88 -14.24
CA GLY A 466 7.40 4.69 -14.49
C GLY A 466 7.31 6.02 -13.76
N ILE A 467 8.47 6.54 -13.37
CA ILE A 467 8.58 7.87 -12.82
C ILE A 467 9.57 8.62 -13.68
N PHE A 468 9.13 9.75 -14.21
CA PHE A 468 9.92 10.50 -15.17
C PHE A 468 10.13 11.90 -14.65
N GLU A 469 11.38 12.23 -14.34
CA GLU A 469 11.66 13.52 -13.72
C GLU A 469 12.50 14.40 -14.64
N ARG A 470 11.98 15.58 -14.94
CA ARG A 470 12.72 16.59 -15.71
C ARG A 470 13.77 17.21 -14.80
N ILE A 471 15.02 16.93 -15.11
CA ILE A 471 16.15 17.47 -14.34
C ILE A 471 16.88 18.50 -15.21
N SER A 472 17.78 19.29 -14.61
CA SER A 472 18.46 20.38 -15.31
C SER A 472 19.14 19.96 -16.61
N ASN A 473 19.77 18.79 -16.60
CA ASN A 473 20.46 18.29 -17.78
C ASN A 473 19.72 17.21 -18.61
N GLY A 474 18.46 16.92 -18.25
CA GLY A 474 17.68 15.97 -19.04
C GLY A 474 16.47 15.36 -18.36
N LEU A 475 16.46 14.03 -18.27
CA LEU A 475 15.34 13.28 -17.72
C LEU A 475 15.86 12.13 -16.90
N LYS A 476 15.44 12.06 -15.64
CA LYS A 476 15.68 10.86 -14.84
C LYS A 476 14.52 9.88 -15.02
N VAL A 477 14.85 8.61 -15.29
CA VAL A 477 13.84 7.58 -15.50
C VAL A 477 13.95 6.49 -14.45
N ASN A 478 12.85 6.25 -13.74
CA ASN A 478 12.70 5.02 -12.93
C ASN A 478 11.59 4.18 -13.52
N LEU A 479 11.89 2.93 -13.86
CA LEU A 479 10.89 2.07 -14.48
C LEU A 479 10.76 0.76 -13.71
N ASN A 480 9.53 0.26 -13.57
CA ASN A 480 9.36 -1.04 -12.93
C ASN A 480 8.26 -1.84 -13.56
N ASN A 481 8.65 -2.94 -14.18
CA ASN A 481 7.72 -3.90 -14.77
C ASN A 481 8.02 -5.34 -14.32
N PHE A 482 8.58 -5.48 -13.12
CA PHE A 482 8.96 -6.79 -12.60
C PHE A 482 7.76 -7.71 -12.45
N ARG A 483 7.76 -8.78 -13.23
CA ARG A 483 6.67 -9.77 -13.16
C ARG A 483 7.21 -11.14 -13.52
N THR A 484 7.34 -12.00 -12.51
CA THR A 484 7.80 -13.37 -12.74
C THR A 484 6.66 -14.23 -13.30
N ASN A 485 7.03 -15.39 -13.82
CA ASN A 485 6.06 -16.28 -14.42
C ASN A 485 5.48 -17.20 -13.34
N LYS A 486 4.17 -17.06 -13.09
CA LYS A 486 3.48 -17.88 -12.10
C LYS A 486 2.73 -19.08 -12.70
N ASP A 487 2.87 -19.29 -14.02
CA ASP A 487 2.11 -20.34 -14.71
C ASP A 487 2.25 -21.75 -14.10
N SER A 488 3.44 -22.10 -13.62
CA SER A 488 3.68 -23.42 -13.03
C SER A 488 2.68 -23.75 -11.91
N LEU A 489 2.22 -22.73 -11.18
CA LEU A 489 1.22 -22.92 -10.14
C LEU A 489 -0.11 -23.39 -10.71
N TRP A 490 -0.36 -23.05 -11.97
CA TRP A 490 -1.62 -23.34 -12.64
C TRP A 490 -1.46 -24.43 -13.69
N SER A 491 -0.33 -25.13 -13.64
CA SER A 491 -0.10 -26.18 -14.59
C SER A 491 -1.10 -27.34 -14.33
N ASN A 492 -1.35 -28.17 -15.33
CA ASN A 492 -2.37 -29.24 -15.27
C ASN A 492 -3.83 -28.77 -15.37
N ALA A 493 -4.02 -27.46 -15.54
CA ALA A 493 -5.36 -26.90 -15.73
C ALA A 493 -5.41 -26.04 -16.99
N GLN A 494 -6.18 -26.47 -17.98
CA GLN A 494 -6.27 -25.72 -19.24
C GLN A 494 -7.44 -24.72 -19.22
N ASP A 495 -8.35 -24.84 -18.26
CA ASP A 495 -9.45 -23.89 -18.09
C ASP A 495 -9.82 -23.68 -16.61
N ALA A 496 -10.74 -22.73 -16.39
CA ALA A 496 -11.18 -22.39 -15.03
C ALA A 496 -11.79 -23.58 -14.29
N ASN A 497 -12.58 -24.39 -14.99
CA ASN A 497 -13.17 -25.62 -14.42
C ASN A 497 -12.09 -26.54 -13.82
N GLN A 498 -11.02 -26.80 -14.58
CA GLN A 498 -9.92 -27.63 -14.10
C GLN A 498 -9.09 -26.95 -13.00
N ALA A 499 -8.87 -25.64 -13.16
CA ALA A 499 -8.13 -24.85 -12.17
C ALA A 499 -8.79 -24.93 -10.80
N LYS A 500 -10.11 -24.74 -10.78
CA LYS A 500 -10.86 -24.78 -9.51
C LYS A 500 -10.69 -26.12 -8.79
N LYS A 501 -10.52 -27.19 -9.58
CA LYS A 501 -10.40 -28.56 -9.02
C LYS A 501 -8.98 -29.04 -8.72
N LEU A 502 -7.96 -28.20 -8.93
CA LEU A 502 -6.60 -28.57 -8.61
C LEU A 502 -6.51 -28.95 -7.11
N PRO A 503 -5.59 -29.84 -6.74
CA PRO A 503 -5.46 -30.06 -5.31
C PRO A 503 -4.96 -28.76 -4.62
N GLN A 504 -5.42 -28.51 -3.41
CA GLN A 504 -5.00 -27.32 -2.65
C GLN A 504 -3.49 -27.30 -2.50
N LEU A 505 -2.88 -26.13 -2.73
CA LEU A 505 -1.48 -25.98 -2.45
C LEU A 505 -1.23 -25.99 -0.93
N THR A 506 -2.19 -25.41 -0.20
CA THR A 506 -2.15 -25.24 1.27
C THR A 506 -1.14 -24.20 1.72
N LYS A 507 -1.34 -23.71 2.94
CA LYS A 507 -0.46 -22.67 3.53
C LYS A 507 0.99 -23.17 3.59
N LYS A 508 1.19 -24.35 4.14
CA LYS A 508 2.52 -24.94 4.23
C LYS A 508 3.10 -25.23 2.84
N GLY A 509 2.23 -25.64 1.92
CA GLY A 509 2.66 -25.90 0.55
C GLY A 509 3.14 -24.65 -0.15
N ALA A 510 2.42 -23.54 0.06
CA ALA A 510 2.79 -22.26 -0.54
C ALA A 510 4.13 -21.76 0.00
N ILE A 511 4.32 -21.87 1.32
CA ILE A 511 5.60 -21.49 1.96
C ILE A 511 6.78 -22.32 1.38
N LYS A 512 6.54 -23.62 1.24
CA LYS A 512 7.52 -24.49 0.59
C LYS A 512 7.75 -24.10 -0.88
N TRP A 513 6.69 -23.72 -1.58
CA TRP A 513 6.83 -23.29 -2.98
C TRP A 513 7.72 -22.07 -3.09
N ILE A 514 7.52 -21.11 -2.18
CA ILE A 514 8.36 -19.92 -2.15
C ILE A 514 9.82 -20.32 -1.95
N GLU A 515 10.09 -21.15 -0.94
CA GLU A 515 11.47 -21.59 -0.67
C GLU A 515 12.11 -22.25 -1.89
N GLU A 516 11.37 -23.14 -2.55
CA GLU A 516 11.92 -24.02 -3.60
C GLU A 516 11.88 -23.46 -5.03
N HIS A 517 10.93 -22.57 -5.28
CA HIS A 517 10.70 -22.10 -6.64
C HIS A 517 10.65 -20.59 -6.78
N TYR A 518 10.80 -19.86 -5.69
CA TYR A 518 10.77 -18.40 -5.77
C TYR A 518 12.02 -17.74 -5.21
N ILE A 519 12.40 -18.11 -3.98
CA ILE A 519 13.68 -17.70 -3.41
C ILE A 519 14.82 -18.20 -4.30
N LYS A 520 14.66 -19.40 -4.87
CA LYS A 520 15.64 -19.95 -5.81
C LYS A 520 14.90 -20.60 -6.96
N ASP A 521 15.63 -20.86 -8.05
CA ASP A 521 15.06 -21.54 -9.21
C ASP A 521 13.84 -20.77 -9.74
N THR A 522 13.88 -19.46 -9.58
CA THR A 522 12.79 -18.59 -9.96
C THR A 522 12.53 -18.70 -11.45
N GLN A 523 11.27 -18.85 -11.82
CA GLN A 523 10.87 -18.74 -13.21
C GLN A 523 10.60 -17.27 -13.55
N PHE A 524 11.64 -16.55 -13.95
CA PHE A 524 11.50 -15.14 -14.37
C PHE A 524 10.56 -14.98 -15.56
N GLY A 525 9.90 -13.84 -15.65
CA GLY A 525 9.04 -13.53 -16.79
C GLY A 525 9.90 -13.16 -17.99
N GLU A 526 9.29 -13.08 -19.16
CA GLU A 526 10.04 -12.67 -20.34
C GLU A 526 10.30 -11.17 -20.28
N LYS A 527 11.46 -10.75 -20.77
CA LYS A 527 11.68 -9.33 -21.04
C LYS A 527 10.55 -8.85 -21.92
N ARG A 528 10.08 -7.61 -21.70
CA ARG A 528 9.05 -7.03 -22.51
C ARG A 528 9.35 -5.56 -22.82
N VAL A 529 8.76 -5.06 -23.89
CA VAL A 529 9.13 -3.77 -24.44
C VAL A 529 8.38 -2.58 -23.81
N THR A 530 9.14 -1.55 -23.44
CA THR A 530 8.60 -0.22 -23.12
C THR A 530 9.17 0.79 -24.13
N LYS A 531 8.33 1.69 -24.64
CA LYS A 531 8.76 2.71 -25.58
C LYS A 531 8.57 4.05 -24.95
N ILE A 532 9.58 4.92 -25.10
CA ILE A 532 9.49 6.30 -24.66
C ILE A 532 9.92 7.15 -25.86
N VAL A 533 9.08 8.09 -26.26
CA VAL A 533 9.43 9.01 -27.33
C VAL A 533 9.48 10.44 -26.79
N LEU A 534 10.57 11.14 -27.08
CA LEU A 534 10.74 12.54 -26.70
C LEU A 534 10.76 13.40 -27.95
N ARG A 535 9.93 14.44 -27.97
CA ARG A 535 9.87 15.40 -29.09
C ARG A 535 10.21 16.79 -28.61
N GLY A 536 11.04 17.48 -29.39
CA GLY A 536 11.56 18.80 -28.99
C GLY A 536 12.98 18.72 -28.46
N ILE A 537 13.78 17.82 -29.05
CA ILE A 537 15.12 17.49 -28.58
C ILE A 537 16.14 18.03 -29.58
N ASP A 538 17.22 18.65 -29.09
CA ASP A 538 18.24 19.24 -29.97
C ASP A 538 19.12 18.22 -30.68
N LYS A 539 19.77 17.35 -29.91
CA LYS A 539 20.67 16.35 -30.44
C LYS A 539 20.46 14.99 -29.77
N LEU A 540 21.08 13.95 -30.32
CA LEU A 540 20.97 12.59 -29.78
C LEU A 540 21.25 12.61 -28.27
N PRO A 541 20.28 12.15 -27.45
CA PRO A 541 20.57 12.11 -26.01
C PRO A 541 21.65 11.09 -25.65
N THR A 542 22.30 11.32 -24.52
CA THR A 542 23.22 10.33 -23.97
C THR A 542 22.61 9.71 -22.72
N ILE A 543 22.89 8.42 -22.52
CA ILE A 543 22.42 7.65 -21.37
C ILE A 543 23.48 7.61 -20.25
N HIS A 544 23.03 7.74 -19.01
CA HIS A 544 23.94 7.84 -17.86
C HIS A 544 23.37 7.05 -16.70
N SER A 545 24.26 6.56 -15.84
CA SER A 545 23.88 5.86 -14.59
C SER A 545 22.82 4.77 -14.77
N LEU A 546 22.99 3.94 -15.80
CA LEU A 546 22.06 2.85 -16.08
C LEU A 546 22.25 1.71 -15.09
N SER A 547 21.19 1.35 -14.37
CA SER A 547 21.22 0.14 -13.53
C SER A 547 19.83 -0.43 -13.40
N GLY A 548 19.75 -1.64 -12.84
CA GLY A 548 18.48 -2.28 -12.59
C GLY A 548 18.66 -3.71 -12.12
N THR A 549 17.53 -4.42 -12.03
CA THR A 549 17.50 -5.79 -11.57
C THR A 549 18.54 -6.59 -12.37
N ASN A 550 19.45 -7.27 -11.66
CA ASN A 550 20.51 -8.03 -12.32
C ASN A 550 19.98 -8.97 -13.41
N ASN A 551 20.60 -8.89 -14.59
CA ASN A 551 20.26 -9.71 -15.76
C ASN A 551 18.83 -9.57 -16.26
N SER A 552 18.22 -8.39 -16.11
CA SER A 552 16.80 -8.26 -16.39
C SER A 552 16.49 -7.34 -17.56
N TYR A 553 17.52 -6.74 -18.14
CA TYR A 553 17.32 -5.75 -19.19
C TYR A 553 18.38 -5.82 -20.29
N ASP A 554 17.95 -5.54 -21.50
CA ASP A 554 18.85 -5.27 -22.60
C ASP A 554 19.31 -3.82 -22.50
N GLN A 555 20.44 -3.51 -23.15
CA GLN A 555 20.87 -2.11 -23.29
C GLN A 555 19.75 -1.30 -23.97
N PRO A 556 19.32 -0.19 -23.36
CA PRO A 556 18.32 0.62 -24.04
C PRO A 556 18.78 1.07 -25.40
N SER A 557 17.84 1.12 -26.35
CA SER A 557 18.12 1.54 -27.72
C SER A 557 17.60 2.94 -27.99
N LEU A 558 18.47 3.82 -28.47
CA LEU A 558 18.08 5.19 -28.79
C LEU A 558 18.16 5.39 -30.29
N ASN A 559 17.06 5.88 -30.86
CA ASN A 559 16.99 6.19 -32.27
C ASN A 559 16.59 7.65 -32.46
N PHE A 560 17.60 8.46 -32.78
CA PHE A 560 17.43 9.89 -32.94
C PHE A 560 17.15 10.27 -34.40
N ASP A 561 16.09 11.06 -34.56
CA ASP A 561 15.64 11.57 -35.84
C ASP A 561 15.89 13.08 -35.84
N GLN A 562 17.02 13.47 -36.40
CA GLN A 562 17.48 14.87 -36.37
C GLN A 562 16.44 15.85 -36.94
N LYS A 563 15.89 15.49 -38.11
CA LYS A 563 14.95 16.35 -38.85
C LYS A 563 13.69 16.68 -38.06
N ASN A 564 13.24 15.73 -37.25
CA ASN A 564 12.04 15.89 -36.45
C ASN A 564 12.35 16.20 -34.98
N HIS A 565 13.63 16.36 -34.65
CA HIS A 565 14.08 16.70 -33.30
C HIS A 565 13.43 15.77 -32.24
N MET A 566 13.59 14.48 -32.45
CA MET A 566 12.93 13.49 -31.63
C MET A 566 13.79 12.25 -31.45
N VAL A 567 13.62 11.60 -30.29
CA VAL A 567 14.29 10.34 -30.00
C VAL A 567 13.25 9.29 -29.60
N THR A 568 13.42 8.07 -30.13
CA THR A 568 12.60 6.92 -29.71
C THR A 568 13.49 6.01 -28.88
N ILE A 569 13.12 5.83 -27.63
CA ILE A 569 13.88 4.96 -26.73
C ILE A 569 13.13 3.64 -26.62
N THR A 570 13.81 2.54 -26.91
CA THR A 570 13.21 1.22 -26.77
C THR A 570 13.92 0.43 -25.68
N ILE A 571 13.14 0.03 -24.69
CA ILE A 571 13.65 -0.76 -23.55
C ILE A 571 13.03 -2.15 -23.61
N ASN A 572 13.86 -3.16 -23.38
CA ASN A 572 13.40 -4.54 -23.32
C ASN A 572 13.86 -5.12 -22.00
N SER A 573 12.89 -5.31 -21.10
CA SER A 573 13.23 -5.59 -19.71
C SER A 573 12.10 -6.28 -18.95
N ASN A 574 12.45 -6.76 -17.76
CA ASN A 574 11.52 -7.30 -16.78
C ASN A 574 12.16 -7.19 -15.40
N GLY A 575 11.87 -6.11 -14.69
CA GLY A 575 12.55 -5.82 -13.42
C GLY A 575 12.46 -4.34 -13.11
N ASN A 576 13.27 -3.88 -12.17
CA ASN A 576 13.38 -2.45 -11.97
C ASN A 576 14.54 -1.92 -12.76
N LEU A 577 14.45 -0.66 -13.12
CA LEU A 577 15.43 -0.06 -14.02
C LEU A 577 15.52 1.42 -13.76
N GLU A 578 16.71 1.95 -13.92
CA GLU A 578 16.96 3.35 -13.66
C GLU A 578 18.06 3.86 -14.60
N PHE A 579 17.90 5.08 -15.12
CA PHE A 579 18.94 5.77 -15.87
C PHE A 579 18.59 7.22 -16.02
N GLU A 580 19.55 7.99 -16.54
CA GLU A 580 19.29 9.38 -16.92
C GLU A 580 19.58 9.55 -18.38
N LEU A 581 18.76 10.37 -19.04
CA LEU A 581 19.01 10.79 -20.39
C LEU A 581 19.44 12.24 -20.36
N HIS A 582 20.59 12.55 -20.95
CA HIS A 582 21.05 13.93 -21.00
C HIS A 582 20.82 14.51 -22.40
N PHE A 583 20.24 15.70 -22.44
CA PHE A 583 19.88 16.38 -23.70
C PHE A 583 19.56 17.84 -23.41
N LEU A 584 19.42 18.61 -24.49
CA LEU A 584 18.95 19.98 -24.43
C LEU A 584 17.72 20.03 -25.28
N GLU A 585 16.82 20.95 -24.99
CA GLU A 585 15.63 21.11 -25.82
C GLU A 585 16.01 21.89 -27.09
N HIS A 586 15.30 21.60 -28.18
CA HIS A 586 15.41 22.37 -29.42
C HIS A 586 14.43 23.54 -29.31
N THR A 587 14.93 24.78 -29.47
CA THR A 587 14.11 26.00 -29.28
C THR A 587 13.68 26.68 -30.58
C1 NAG B . -12.48 -14.05 6.04
C2 NAG B . -11.46 -12.91 6.01
C3 NAG B . -10.11 -13.39 6.57
C4 NAG B . -10.32 -14.04 7.93
C5 NAG B . -11.25 -15.23 7.71
C6 NAG B . -11.32 -16.04 9.00
C7 NAG B . -11.64 -11.20 4.25
C8 NAG B . -11.37 -10.84 2.83
N2 NAG B . -11.25 -12.41 4.66
O1 NAG B . -13.78 -13.60 5.71
O3 NAG B . -9.14 -12.35 6.67
O4 NAG B . -9.11 -14.43 8.51
O5 NAG B . -12.50 -14.70 7.32
O6 NAG B . -12.46 -16.86 9.00
O7 NAG B . -12.20 -10.38 4.97
C1 GAL B . -8.01 -12.63 5.79
C2 GAL B . -6.93 -13.46 6.50
C3 GAL B . -6.07 -14.30 5.57
C4 GAL B . -6.83 -14.95 4.42
C5 GAL B . -7.61 -13.84 3.71
C6 GAL B . -8.47 -14.32 2.56
O2 GAL B . -6.05 -12.57 7.10
O3 GAL B . -5.45 -15.29 6.35
O4 GAL B . -7.61 -16.05 4.88
O5 GAL B . -8.49 -13.19 4.59
O6 GAL B . -8.79 -13.19 1.75
C1 FUC B . -5.71 -12.92 8.46
C2 FUC B . -4.59 -11.99 8.94
C3 FUC B . -5.13 -10.58 9.13
C4 FUC B . -6.32 -10.60 10.08
C5 FUC B . -7.38 -11.54 9.53
C6 FUC B . -8.58 -11.61 10.47
O2 FUC B . -3.51 -11.97 8.03
O3 FUC B . -4.12 -9.74 9.64
O4 FUC B . -5.88 -11.05 11.37
O5 FUC B . -6.81 -12.84 9.36
O5 A2G B . -3.12 -15.46 5.42
C1 A2G B . -4.18 -16.40 5.69
C2 A2G B . -4.01 -17.33 6.90
N2 A2G B . -5.31 -17.95 7.24
C3 A2G B . -3.36 -16.61 8.09
O3 A2G B . -2.99 -17.63 9.01
C4 A2G B . -2.12 -15.86 7.62
O4 A2G B . -1.15 -16.79 7.05
C5 A2G B . -2.47 -14.80 6.56
C6 A2G B . -1.27 -14.01 5.98
O6 A2G B . -1.70 -13.23 4.83
C7 A2G B . -5.45 -19.26 7.00
O7 A2G B . -4.54 -19.95 6.55
C8 A2G B . -6.82 -19.90 7.38
C1 EDO C . 13.11 -17.20 19.28
O1 EDO C . 13.15 -15.95 20.00
C2 EDO C . 13.86 -18.26 20.04
O2 EDO C . 13.07 -18.64 21.17
C1 EDO D . -13.92 0.93 -7.77
O1 EDO D . -14.25 2.31 -7.61
C2 EDO D . -12.69 0.59 -6.90
O2 EDO D . -12.96 0.78 -5.49
#